data_2LGM
#
_entry.id   2LGM
#
loop_
_entity.id
_entity.type
_entity.pdbx_description
1 polymer "DNA (5'-D(*CP*GP*TP*AP*CP*AP*CP*AP*TP*GP*C)-3')"
2 polymer "DNA (5'-D(*GP*CP*AP*TP*GP*TP*GP*TP*AP*CP*G)-3')"
3 non-polymer [1,3]benzodioxolo[6,5,4-cd]benzo[f]indol-5(6H)-one
#
loop_
_entity_poly.entity_id
_entity_poly.type
_entity_poly.pdbx_seq_one_letter_code
_entity_poly.pdbx_strand_id
1 'polydeoxyribonucleotide' (DC)(DG)(DT)(DA)(DC)(DA)(DC)(DA)(DT)(DG)(DC) 1
2 'polydeoxyribonucleotide' (DG)(DC)(DA)(DT)(DG)(DT)(DG)(DT)(DA)(DC)(DG) 2
#
loop_
_chem_comp.id
_chem_comp.type
_chem_comp.name
_chem_comp.formula
A4A non-polymer [1,3]benzodioxolo[6,5,4-cd]benzo[f]indol-5(6H)-one 'C16 H9 N O3'
DA DNA linking 2'-DEOXYADENOSINE-5'-MONOPHOSPHATE 'C10 H14 N5 O6 P'
DC DNA linking 2'-DEOXYCYTIDINE-5'-MONOPHOSPHATE 'C9 H14 N3 O7 P'
DG DNA linking 2'-DEOXYGUANOSINE-5'-MONOPHOSPHATE 'C10 H14 N5 O7 P'
DT DNA linking THYMIDINE-5'-MONOPHOSPHATE 'C10 H15 N2 O8 P'
#
# COMPACT_ATOMS: atom_id res chain seq x y z
C2 A4A C . -3.34 -1.87 -0.05
C4 A4A C . -0.28 -2.36 -1.91
C6 A4A C . 2.16 -1.62 -2.43
N6 A4A C . 2.93 -0.58 -1.88
O6 A4A C . 2.60 -2.42 -3.25
C7 A4A C . 2.43 1.23 -0.08
C8 A4A C . 1.59 2.77 1.65
C9 A4A C . 0.58 3.21 2.51
C10 A4A C . -0.65 2.56 2.52
C11 A4A C . -0.89 1.46 1.69
C12 A4A C . 1.39 1.66 0.79
C13 A4A C . 0.11 1.00 0.81
C31 A4A C . -1.40 -2.03 -1.08
C32 A4A C . -1.33 -0.94 -0.18
C33 A4A C . -0.14 -0.12 -0.04
C51 A4A C . 2.17 0.10 -0.94
C52 A4A C . 0.93 -0.52 -0.89
C53 A4A C . 0.90 -1.58 -1.80
O1 A4A C . -2.57 -2.71 -0.90
O2 A4A C . -2.48 -0.93 0.58
H4 A4A C . -0.31 -3.19 -2.62
HN6 A4A C . 3.89 -0.37 -2.15
H8 A4A C . 2.52 3.33 1.62
H9 A4A C . 0.81 3.96 3.27
H10 A4A C . -1.46 2.96 3.13
H11 A4A C . -1.82 0.91 1.85
H2 A4A C . -3.91 -2.42 0.71
H2A A4A C . -4.11 -1.38 -0.66
C2 A4A C . -3.33 -1.46 0.52
C4 A4A C . -0.49 -2.05 -1.66
C6 A4A C . 1.94 -1.45 -2.35
N6 A4A C . 2.82 -0.49 -1.84
O6 A4A C . 2.24 -2.23 -3.26
C7 A4A C . 2.62 1.24 0.08
C8 A4A C . 2.05 2.75 1.93
C9 A4A C . 1.16 3.21 2.90
C10 A4A C . -0.12 2.66 3.01
C11 A4A C . -0.51 1.61 2.17
C12 A4A C . 1.69 1.70 1.06
C13 A4A C . 0.37 1.12 1.17
C31 A4A C . -1.51 -1.69 -0.72
C32 A4A C . -1.28 -0.65 0.23
C33 A4A C . -0.03 0.07 0.30
C51 A4A C . 2.20 0.18 -0.79
C52 A4A C . 0.93 -0.35 -0.67
C53 A4A C . 0.74 -1.36 -1.62
O1 A4A C . -2.70 -2.32 -0.43
O2 A4A C . -2.34 -0.63 1.12
H4 A4A C . -0.64 -2.84 -2.39
HN6 A4A C . 3.76 -0.36 -2.17
H8 A4A C . 3.01 3.27 1.83
H9 A4A C . 1.49 3.95 3.63
H10 A4A C . -0.82 3.08 3.73
H11 A4A C . -1.34 1.00 2.51
H2 A4A C . -3.87 -2.00 1.29
H2A A4A C . -4.10 -0.89 0.01
C2 A4A C . -3.74 -1.84 -0.56
C4 A4A C . -0.48 -2.41 -2.03
C6 A4A C . 2.00 -1.68 -2.30
N6 A4A C . 2.71 -0.64 -1.69
O6 A4A C . 2.50 -2.46 -3.10
C7 A4A C . 2.03 1.19 0.04
C8 A4A C . 1.03 2.75 1.65
C9 A4A C . -0.06 3.20 2.40
C10 A4A C . -1.30 2.56 2.29
C11 A4A C . -1.45 1.44 1.47
C12 A4A C . 0.91 1.63 0.80
C13 A4A C . -0.37 0.97 0.70
C31 A4A C . -1.68 -2.07 -1.32
C32 A4A C . -1.70 -0.97 -0.41
C33 A4A C . -0.53 -0.16 -0.16
C51 A4A C . 1.86 0.05 -0.83
C52 A4A C . 0.62 -0.57 -0.90
C53 A4A C . 0.69 -1.64 -1.80
O1 A4A C . -2.89 -2.72 -1.28
O2 A4A C . -2.94 -0.93 0.19
H4 A4A C . -0.44 -3.25 -2.73
HN6 A4A C . 3.68 -0.43 -1.86
H8 A4A C . 1.95 3.33 1.69
H9 A4A C . 0.09 3.94 3.18
H10 A4A C . -2.16 2.98 2.81
H11 A4A C . -2.30 0.79 1.69
H2 A4A C . -4.43 -2.37 0.11
H2A A4A C . -4.40 -1.35 -1.27
C2 A4A C . -3.51 -1.67 -0.01
C4 A4A C . -0.48 -2.36 -1.88
C6 A4A C . 1.97 -1.73 -2.46
N6 A4A C . 2.79 -0.71 -1.97
O6 A4A C . 2.34 -2.57 -3.28
C7 A4A C . 2.40 1.19 -0.23
C8 A4A C . 1.65 2.81 1.44
C9 A4A C . 0.68 3.32 2.30
C10 A4A C . -0.58 2.73 2.37
C11 A4A C . -0.88 1.61 1.59
C12 A4A C . 1.39 1.68 0.64
C13 A4A C . 0.09 1.07 0.70
C31 A4A C . -1.57 -1.96 -1.04
C32 A4A C . -1.44 -0.84 -0.17
C33 A4A C . -0.23 -0.06 -0.10
C51 A4A C . 2.07 0.04 -1.05
C52 A4A C . 0.81 -0.53 -0.96
C53 A4A C . 0.73 -1.63 -1.81
O1 A4A C . -2.77 -2.59 -0.83
O2 A4A C . -2.59 -0.74 0.59
H4 A4A C . -0.55 -3.22 -2.55
HN6 A4A C . 3.74 -0.53 -2.27
H8 A4A C . 2.59 3.36 1.38
H9 A4A C . 0.95 4.10 3.03
H10 A4A C . -1.37 3.20 2.97
H11 A4A C . -1.87 1.14 1.66
H2 A4A C . -4.10 -2.16 0.76
H2A A4A C . -4.23 -1.16 -0.64
C2 A4A C . -3.22 -1.78 -0.12
C4 A4A C . -0.24 -2.58 -2.00
C6 A4A C . 2.25 -2.07 -2.57
N6 A4A C . 3.11 -1.08 -2.06
O6 A4A C . 2.59 -2.89 -3.42
C7 A4A C . 2.78 0.83 -0.33
C8 A4A C . 2.09 2.50 1.33
C9 A4A C . 1.14 3.05 2.19
C10 A4A C . -0.16 2.53 2.24
C11 A4A C . -0.50 1.42 1.46
C12 A4A C . 1.78 1.38 0.53
C13 A4A C . 0.46 0.83 0.58
C31 A4A C . -1.32 -2.13 -1.18
C32 A4A C . -1.16 -1.01 -0.31
C33 A4A C . 0.10 -0.29 -0.22
C51 A4A C . 2.41 -0.30 -1.15
C52 A4A C . 1.12 -0.81 -1.07
C53 A4A C . 1.00 -1.90 -1.93
O1 A4A C . -2.53 -2.72 -0.94
O2 A4A C . -2.28 -0.89 0.47
H4 A4A C . -0.35 -3.44 -2.68
HN6 A4A C . 4.04 -0.90 -2.41
H8 A4A C . 3.02 3.06 1.20
H9 A4A C . 1.45 3.77 2.95
H10 A4A C . -0.90 2.99 2.89
H11 A4A C . -1.35 0.83 1.81
H2 A4A C . -3.81 -2.27 0.66
H2A A4A C . -3.96 -1.27 -0.74
C2 A4A C . -3.36 -1.88 0.04
C4 A4A C . -0.40 -2.56 -1.93
C6 A4A C . 2.02 -1.90 -2.62
N6 A4A C . 2.83 -0.84 -2.19
O6 A4A C . 2.42 -2.82 -3.33
C7 A4A C . 2.48 1.07 -0.46
C8 A4A C . 1.77 2.72 1.22
C9 A4A C . 0.81 3.23 2.11
C10 A4A C . -0.43 2.61 2.24
C11 A4A C . -0.73 1.46 1.51
C12 A4A C . 1.50 1.56 0.45
C13 A4A C . 0.21 0.92 0.60
C31 A4A C . -1.47 -2.16 -1.06
C32 A4A C . -1.33 -1.03 -0.20
C33 A4A C . -0.11 -0.24 -0.17
C51 A4A C . 2.14 -0.10 -1.22
C52 A4A C . 0.90 -0.70 -1.06
C53 A4A C . 0.79 -1.80 -1.93
O1 A4A C . -2.64 -2.81 -0.77
O2 A4A C . -2.43 -0.97 0.63
H4 A4A C . -0.49 -3.42 -2.59
HN6 A4A C . 3.78 -0.68 -2.50
H8 A4A C . 2.71 3.26 1.13
H9 A4A C . 1.12 3.99 2.84
H10 A4A C . -1.18 3.07 2.88
H11 A4A C . -1.51 0.82 1.93
H2 A4A C . -3.95 -2.38 0.81
H2A A4A C . -4.09 -1.39 -0.60
C2 A4A C . -3.78 -1.56 0.13
C4 A4A C . -0.79 -2.29 -1.78
C6 A4A C . 1.66 -1.67 -2.41
N6 A4A C . 2.49 -0.66 -1.92
O6 A4A C . 2.02 -2.50 -3.24
C7 A4A C . 2.16 1.19 -0.11
C8 A4A C . 1.48 2.78 1.63
C9 A4A C . 0.54 3.28 2.52
C10 A4A C . -0.73 2.70 2.61
C11 A4A C . -1.06 1.60 1.80
C12 A4A C . 1.18 1.68 0.80
C13 A4A C . -0.12 1.07 0.88
C31 A4A C . -1.86 -1.89 -0.92
C32 A4A C . -1.70 -0.80 -0.01
C33 A4A C . -0.47 -0.04 0.07
C51 A4A C . 1.81 0.07 -0.94
C52 A4A C . 0.55 -0.49 -0.84
C53 A4A C . 0.43 -1.56 -1.73
O1 A4A C . -3.08 -2.48 -0.71
O2 A4A C . -2.83 -0.69 0.75
H4 A4A C . -0.89 -3.12 -2.48
HN6 A4A C . 3.46 -0.52 -2.20
H8 A4A C . 2.41 3.34 1.52
H9 A4A C . 0.83 4.05 3.24
H10 A4A C . -1.50 3.20 3.21
H11 A4A C . -1.89 0.99 2.16
H2 A4A C . -4.39 -2.05 0.88
H2A A4A C . -4.49 -1.02 -0.49
C2 A4A C . -3.14 -2.44 -0.86
C4 A4A C . 0.26 -2.50 -2.11
C6 A4A C . 2.60 -1.39 -2.21
N6 A4A C . 3.10 -0.26 -1.55
O6 A4A C . 3.27 -2.08 -2.97
C7 A4A C . 2.05 1.40 0.16
C8 A4A C . 0.74 2.76 1.73
C9 A4A C . -0.45 3.03 2.41
C10 A4A C . -1.56 2.21 2.23
C11 A4A C . -1.51 1.10 1.37
C12 A4A C . 0.84 1.65 0.85
C13 A4A C . -0.31 0.80 0.66
C31 A4A C . -1.02 -2.36 -1.47
C32 A4A C . -1.27 -1.29 -0.55
C33 A4A C . -0.26 -0.31 -0.21
C51 A4A C . 2.11 0.27 -0.73
C52 A4A C . 0.99 -0.53 -0.89
C53 A4A C . 1.27 -1.55 -1.79
O1 A4A C . -2.12 -3.17 -1.53
O2 A4A C . -2.54 -1.44 -0.04
H4 A4A C . 0.46 -3.30 -2.80
HN6 A4A C . 4.05 0.08 -1.64
H8 A4A C . 1.58 3.44 1.89
H9 A4A C . -0.46 3.78 3.20
H10 A4A C . -2.51 2.49 2.68
H11 A4A C . -2.27 0.35 1.51
H2 A4A C . -3.78 -3.08 -0.24
H2A A4A C . -3.81 -2.02 -1.60
C2 A4A C . -3.24 -2.47 -0.75
C4 A4A C . 0.11 -2.68 -2.11
C6 A4A C . 2.49 -1.66 -2.35
N6 A4A C . 3.05 -0.52 -1.77
O6 A4A C . 3.10 -2.41 -3.10
C7 A4A C . 2.10 1.29 -0.14
C8 A4A C . 0.89 2.76 1.39
C9 A4A C . -0.27 3.09 2.10
C10 A4A C . -1.42 2.29 2.00
C11 A4A C . -1.42 1.15 1.19
C12 A4A C . 0.91 1.60 0.58
C13 A4A C . -0.26 0.79 0.46
C31 A4A C . -1.14 -2.46 -1.45
C32 A4A C . -1.33 -1.34 -0.59
C33 A4A C . -0.27 -0.38 -0.35
C51 A4A C . 2.10 0.11 -0.97
C52 A4A C . 0.94 -0.66 -1.05
C53 A4A C . 1.17 -1.74 -1.89
O1 A4A C . -2.27 -3.25 -1.44
O2 A4A C . -2.59 -1.41 -0.04
H4 A4A C . 0.28 -3.53 -2.77
HN6 A4A C . 4.00 -0.20 -1.93
H8 A4A C . 1.73 3.44 1.45
H9 A4A C . -0.25 3.92 2.81
H10 A4A C . -2.34 2.62 2.46
H11 A4A C . -2.15 0.39 1.45
H2 A4A C . -3.84 -3.07 -0.07
H2A A4A C . -3.96 -2.10 -1.50
C2 A4A C . -3.41 -2.33 -0.91
C4 A4A C . -0.03 -2.57 -2.19
C6 A4A C . 2.37 -1.57 -2.33
N6 A4A C . 2.94 -0.45 -1.70
O6 A4A C . 3.00 -2.33 -3.08
C7 A4A C . 1.99 1.29 -0.03
C8 A4A C . 0.75 2.74 1.51
C9 A4A C . -0.41 3.07 2.21
C10 A4A C . -1.57 2.30 2.05
C11 A4A C . -1.56 1.18 1.21
C12 A4A C . 0.79 1.62 0.66
C13 A4A C . -0.39 0.82 0.49
C31 A4A C . -1.29 -2.35 -1.55
C32 A4A C . -1.48 -1.26 -0.66
C33 A4A C . -0.41 -0.32 -0.36
C51 A4A C . 1.98 0.15 -0.90
C52 A4A C . 0.82 -0.60 -1.04
C53 A4A C . 1.04 -1.66 -1.91
O1 A4A C . -2.43 -3.12 -1.58
O2 A4A C . -2.75 -1.32 -0.13
H4 A4A C . 0.14 -3.40 -2.88
HN6 A4A C . 3.90 -0.16 -1.81
H8 A4A C . 1.61 3.41 1.61
H9 A4A C . -0.40 3.90 2.91
H10 A4A C . -2.50 2.64 2.49
H11 A4A C . -2.33 0.43 1.41
H2 A4A C . -4.07 -2.92 -0.28
H2A A4A C . -4.07 -1.88 -1.66
C2 A4A C . -2.71 -2.41 -0.53
C4 A4A C . 0.61 -2.56 -1.99
C6 A4A C . 3.00 -1.54 -2.20
N6 A4A C . 3.56 -0.42 -1.59
O6 A4A C . 3.60 -2.27 -2.99
C7 A4A C . 2.63 1.35 0.08
C8 A4A C . 1.40 2.80 1.64
C9 A4A C . 0.24 3.13 2.35
C10 A4A C . -0.91 2.34 2.22
C11 A4A C . -0.91 1.21 1.39
C12 A4A C . 1.43 1.66 0.78
C13 A4A C . 0.25 0.86 0.65
C31 A4A C . -0.64 -2.34 -1.32
C32 A4A C . -0.82 -1.23 -0.44
C33 A4A C . 0.24 -0.29 -0.19
C51 A4A C . 2.60 0.19 -0.78
C52 A4A C . 1.45 -0.57 -0.89
C53 A4A C . 1.67 -1.64 -1.75
O1 A4A C . -1.74 -3.16 -1.27
O2 A4A C . -2.05 -1.35 0.17
H4 A4A C . 0.77 -3.39 -2.67
HN6 A4A C . 4.50 -0.08 -1.77
H8 A4A C . 2.22 3.51 1.66
H9 A4A C . 0.25 3.97 3.03
H10 A4A C . -1.84 2.67 2.68
H11 A4A C . -1.66 0.45 1.61
H2 A4A C . -3.27 -3.03 0.18
H2A A4A C . -3.46 -2.05 -1.23
C2 A4A C . -3.27 -1.79 -0.03
C4 A4A C . -0.29 -2.40 -1.99
C6 A4A C . 2.16 -1.75 -2.59
N6 A4A C . 2.97 -0.73 -2.10
O6 A4A C . 2.52 -2.55 -3.44
C7 A4A C . 2.59 1.14 -0.32
C8 A4A C . 1.86 2.73 1.41
C9 A4A C . 0.90 3.22 2.29
C10 A4A C . -0.36 2.61 2.36
C11 A4A C . -0.67 1.50 1.56
C12 A4A C . 1.59 1.61 0.57
C13 A4A C . 0.29 0.99 0.65
C31 A4A C . -1.37 -2.03 -1.13
C32 A4A C . -1.25 -0.92 -0.24
C33 A4A C . -0.03 -0.14 -0.17
C51 A4A C . 2.26 0.00 -1.15
C52 A4A C . 1.00 -0.58 -1.05
C53 A4A C . 0.92 -1.66 -1.93
O1 A4A C . -2.55 -2.68 -0.88
O2 A4A C . -2.36 -0.87 0.57
H4 A4A C . -0.37 -3.25 -2.67
HN6 A4A C . 3.89 -0.50 -2.44
H8 A4A C . 2.80 3.28 1.34
H9 A4A C . 1.16 3.98 3.01
H10 A4A C . -1.13 3.05 2.99
H11 A4A C . -1.44 0.85 1.94
H2 A4A C . -3.85 -2.30 0.74
H2A A4A C . -4.03 -1.27 -0.64
C2 A4A C . -3.27 -2.19 -0.51
C4 A4A C . -0.01 -2.48 -2.05
C6 A4A C . 2.40 -1.57 -2.32
N6 A4A C . 3.05 -0.48 -1.72
O6 A4A C . 2.95 -2.32 -3.13
C7 A4A C . 2.27 1.28 0.02
C8 A4A C . 1.17 2.75 1.66
C9 A4A C . 0.06 3.11 2.43
C10 A4A C . -1.13 2.39 2.33
C11 A4A C . -1.21 1.28 1.48
C12 A4A C . 1.12 1.63 0.79
C13 A4A C . -0.10 0.88 0.71
C31 A4A C . -1.22 -2.23 -1.33
C32 A4A C . -1.32 -1.14 -0.41
C33 A4A C . -0.20 -0.25 -0.17
C51 A4A C . 2.16 0.14 -0.85
C52 A4A C . 0.96 -0.56 -0.92
C53 A4A C . 1.09 -1.62 -1.82
O1 A4A C . -2.37 -2.99 -1.27
O2 A4A C . -2.53 -1.21 0.22
H4 A4A C . 0.08 -3.30 -2.75
HN6 A4A C . 3.99 -0.19 -1.93
H8 A4A C . 2.03 3.44 1.66
H9 A4A C . 0.16 3.89 3.18
H10 A4A C . -2.00 2.71 2.89
H11 A4A C . -1.99 0.55 1.72
H2 A4A C . -3.88 -2.80 0.17
H2A A4A C . -3.99 -1.75 -1.21
C2 A4A C . -3.44 -1.68 0.19
C4 A4A C . -0.60 -2.42 -1.93
C6 A4A C . 1.81 -1.84 -2.70
N6 A4A C . 2.69 -0.84 -2.25
O6 A4A C . 2.13 -2.69 -3.52
C7 A4A C . 2.49 1.02 -0.44
C8 A4A C . 1.94 2.62 1.33
C9 A4A C . 1.06 3.13 2.29
C10 A4A C . -0.21 2.57 2.44
C11 A4A C . -0.60 1.47 1.67
C12 A4A C . 1.58 1.52 0.53
C13 A4A C . 0.27 0.93 0.69
C31 A4A C . -1.61 -2.00 -1.00
C32 A4A C . -1.38 -0.92 -0.10
C33 A4A C . -0.13 -0.18 -0.10
C51 A4A C . 2.08 -0.10 -1.24
C52 A4A C . 0.82 -0.65 -1.06
C53 A4A C . 0.63 -1.71 -1.94
O1 A4A C . -2.80 -2.61 -0.68
O2 A4A C . -2.44 -0.82 0.76
H4 A4A C . -0.75 -3.25 -2.62
HN6 A4A C . 3.63 -0.70 -2.60
H8 A4A C . 2.89 3.13 1.19
H9 A4A C . 1.41 3.88 3.00
H10 A4A C . -0.91 3.03 3.14
H11 A4A C . -1.39 0.85 2.09
H2 A4A C . -4.00 -2.19 0.99
H2A A4A C . -4.19 -1.14 -0.38
C2 A4A C . -3.46 -1.47 1.04
C4 A4A C . -0.89 -1.98 -1.45
C6 A4A C . 1.42 -1.29 -2.45
N6 A4A C . 2.32 -0.29 -2.06
O6 A4A C . 1.69 -2.14 -3.30
C7 A4A C . 2.31 1.41 -0.09
C8 A4A C . 1.96 2.89 1.82
C9 A4A C . 1.19 3.33 2.90
C10 A4A C . -0.04 2.73 3.18
C11 A4A C . -0.51 1.67 2.39
C12 A4A C . 1.52 1.82 1.00
C13 A4A C . 0.25 1.20 1.29
C31 A4A C . -1.77 -1.66 -0.39
C32 A4A C . -1.46 -0.62 0.55
C33 A4A C . -0.22 0.13 0.47
C51 A4A C . 1.83 0.33 -0.92
C52 A4A C . 0.61 -0.26 -0.63
C53 A4A C . 0.33 -1.25 -1.57
O1 A4A C . -2.91 -2.31 0.03
O2 A4A C . -2.41 -0.63 1.55
H4 A4A C . -1.11 -2.77 -2.17
HN6 A4A C . 3.27 -0.23 -2.38
H8 A4A C . 2.90 3.41 1.63
H9 A4A C . 1.52 4.19 3.50
H10 A4A C . -0.70 3.19 3.90
H11 A4A C . -1.30 1.05 2.83
H2 A4A C . -3.91 -2.02 1.85
H2A A4A C . -4.26 -0.89 0.58
C2 A4A C . -3.01 -1.35 0.98
C4 A4A C . -0.48 -2.10 -1.51
C6 A4A C . 1.87 -1.63 -2.50
N6 A4A C . 2.86 -0.72 -2.11
O6 A4A C . 2.03 -2.45 -3.41
C7 A4A C . 2.96 1.07 -0.23
C8 A4A C . 2.68 2.64 1.64
C9 A4A C . 1.93 3.16 2.69
C10 A4A C . 0.64 2.67 2.96
C11 A4A C . 0.11 1.64 2.18
C12 A4A C . 2.17 1.59 0.83
C13 A4A C . 0.85 1.09 1.11
C31 A4A C . -1.37 -1.67 -0.47
C32 A4A C . -0.98 -0.63 0.42
C33 A4A C . 0.29 0.04 0.32
C51 A4A C . 2.39 0.02 -1.03
C52 A4A C . 1.12 -0.45 -0.74
C53 A4A C . 0.79 -1.47 -1.63
O1 A4A C . -2.54 -2.25 -0.03
O2 A4A C . -1.92 -0.54 1.43
H4 A4A C . -0.76 -2.90 -2.21
HN6 A4A C . 3.76 -0.60 -2.58
H8 A4A C . 3.62 3.13 1.39
H9 A4A C . 2.41 3.82 3.42
H10 A4A C . 0.06 3.11 3.77
H11 A4A C . -0.69 1.06 2.65
H2 A4A C . -3.47 -1.84 1.84
H2A A4A C . -3.82 -0.77 0.55
C2 A4A C . -3.81 -1.49 0.65
C4 A4A C . -1.08 -2.14 -1.65
C6 A4A C . 1.28 -1.51 -2.55
N6 A4A C . 2.17 -0.51 -2.14
O6 A4A C . 1.54 -2.33 -3.42
C7 A4A C . 2.07 1.28 -0.26
C8 A4A C . 1.61 2.84 1.58
C9 A4A C . 0.78 3.31 2.60
C10 A4A C . -0.47 2.73 2.81
C11 A4A C . -0.90 1.65 2.03
C12 A4A C . 1.21 1.75 0.77
C13 A4A C . -0.07 1.14 1.00
C31 A4A C . -2.03 -1.77 -0.64
C32 A4A C . -1.76 -0.69 0.26
C33 A4A C . -0.52 0.05 0.20
C51 A4A C . 1.61 0.19 -1.07
C52 A4A C . 0.37 -0.38 -0.82
C53 A4A C . 0.14 -1.43 -1.72
O1 A4A C . -3.21 -2.37 -0.30
O2 A4A C . -2.80 -0.62 1.16
H4 A4A C . -1.26 -2.96 -2.35
HN6 A4A C . 3.10 -0.41 -2.50
H8 A4A C . 2.58 3.33 1.43
H9 A4A C . 1.12 4.13 3.23
H10 A4A C . -1.15 3.17 3.54
H11 A4A C . -1.70 1.03 2.45
H2 A4A C . -4.31 -2.01 1.46
H2A A4A C . -4.60 -0.94 0.13
C2 A4A C . -3.31 -2.17 0.09
C4 A4A C . -0.43 -2.59 -2.06
C6 A4A C . 1.92 -1.77 -2.82
N6 A4A C . 2.70 -0.70 -2.38
O6 A4A C . 2.30 -2.58 -3.67
C7 A4A C . 2.33 1.10 -0.54
C8 A4A C . 1.63 2.64 1.24
C9 A4A C . 0.70 3.06 2.20
C10 A4A C . -0.51 2.38 2.35
C11 A4A C . -0.80 1.25 1.57
C12 A4A C . 1.37 1.51 0.42
C13 A4A C . 0.12 0.80 0.58
C31 A4A C . -1.47 -2.28 -1.13
C32 A4A C . -1.35 -1.18 -0.23
C33 A4A C . -0.17 -0.32 -0.22
C51 A4A C . 2.02 -0.04 -1.36
C52 A4A C . 0.82 -0.70 -1.18
C53 A4A C . 0.73 -1.77 -2.07
O1 A4A C . -2.60 -3.01 -0.83
O2 A4A C . -2.42 -1.20 0.64
H4 A4A C . -0.51 -3.42 -2.75
HN6 A4A C . 3.63 -0.47 -2.72
H8 A4A C . 2.62 3.11 1.27
H9 A4A C . 0.98 3.83 2.92
H10 A4A C . -1.21 2.71 3.12
H11 A4A C . -1.54 0.56 1.98
H2 A4A C . -3.78 -2.74 0.89
H2A A4A C . -4.14 -1.72 -0.45
C2 A4A C . -3.48 -1.82 -0.15
C4 A4A C . -0.39 -2.42 -1.95
C6 A4A C . 2.05 -1.72 -2.48
N6 A4A C . 2.83 -0.67 -1.96
O6 A4A C . 2.46 -2.50 -3.32
C7 A4A C . 2.35 1.19 -0.22
C8 A4A C . 1.53 2.77 1.46
C9 A4A C . 0.52 3.25 2.32
C10 A4A C . -0.72 2.63 2.35
C11 A4A C . -0.97 1.51 1.55
C12 A4A C . 1.31 1.65 0.64
C13 A4A C . 0.03 1.00 0.68
C31 A4A C . -1.51 -2.06 -1.13
C32 A4A C . -1.44 -0.95 -0.25
C33 A4A C . -0.25 -0.13 -0.14
C51 A4A C . 2.08 0.05 -1.04
C52 A4A C . 0.83 -0.56 -0.98
C53 A4A C . 0.79 -1.65 -1.86
O1 A4A C . -2.71 -2.71 -0.96
O2 A4A C . -2.61 -0.87 0.48
H4 A4A C . -0.43 -3.27 -2.64
HN6 A4A C . 3.78 -0.46 -2.25
H8 A4A C . 2.43 3.38 1.39
H9 A4A C . 0.75 4.04 3.03
H10 A4A C . -1.53 3.07 2.93
H11 A4A C . -1.94 1.01 1.59
H2 A4A C . -4.05 -2.34 0.61
H2A A4A C . -4.22 -1.33 -0.78
C2 A4A C . -3.40 -1.89 -0.49
C4 A4A C . -0.15 -2.33 -2.03
C6 A4A C . 2.34 -1.61 -2.23
N6 A4A C . 3.05 -0.59 -1.58
O6 A4A C . 2.84 -2.33 -3.09
C7 A4A C . 2.34 1.19 0.18
C8 A4A C . 1.33 2.71 1.83
C9 A4A C . 0.23 3.13 2.58
C10 A4A C . -1.01 2.49 2.43
C11 A4A C . -1.16 1.42 1.55
C12 A4A C . 1.21 1.62 0.93
C13 A4A C . -0.07 0.97 0.78
C31 A4A C . -1.35 -2.02 -1.33
C32 A4A C . -1.40 -0.93 -0.40
C33 A4A C . -0.23 -0.12 -0.12
C51 A4A C . 2.18 0.09 -0.73
C52 A4A C . 0.94 -0.51 -0.85
C53 A4A C . 1.02 -1.56 -1.76
O1 A4A C . -2.54 -2.72 -1.28
O2 A4A C . -2.62 -0.94 0.23
H4 A4A C . -0.10 -3.16 -2.75
HN6 A4A C . 4.01 -0.34 -1.78
H8 A4A C . 2.18 3.37 1.81
H9 A4A C . 0.35 3.91 3.32
H10 A4A C . -1.87 2.89 2.96
H11 A4A C . -2.13 0.93 1.45
H2 A4A C . -4.02 -2.47 0.19
H2A A4A C . -4.11 -1.41 -1.16
C2 A4A C . -3.59 -1.61 0.17
C4 A4A C . -0.54 -2.09 -1.75
C6 A4A C . 1.91 -1.37 -2.26
N6 A4A C . 2.70 -0.37 -1.68
O6 A4A C . 2.30 -2.14 -3.14
C7 A4A C . 2.26 1.37 0.20
C8 A4A C . 1.50 2.84 2.01
C9 A4A C . 0.51 3.26 2.90
C10 A4A C . -0.74 2.63 2.92
C11 A4A C . -1.02 1.58 2.05
C12 A4A C . 1.24 1.77 1.12
C13 A4A C . -0.05 1.13 1.13
C31 A4A C . -1.64 -1.79 -0.89
C32 A4A C . -1.54 -0.73 0.08
C33 A4A C . -0.34 0.06 0.24
C51 A4A C . 1.97 0.28 -0.69
C52 A4A C . 0.72 -0.32 -0.66
C53 A4A C . 0.66 -1.34 -1.62
O1 A4A C . -2.84 -2.44 -0.72
O2 A4A C . -2.69 -0.72 0.84
H4 A4A C . -0.60 -2.89 -2.48
HN6 A4A C . 3.65 -0.18 -1.94
H8 A4A C . 2.46 3.34 2.05
H9 A4A C . 0.77 3.96 3.70
H10 A4A C . -1.54 3.06 3.53
H11 A4A C . -2.00 1.10 2.08
H2 A4A C . -4.15 -2.20 0.89
H2A A4A C . -4.34 -1.10 -0.42
C2 A4A C . -3.13 -1.93 -0.26
C4 A4A C . -0.04 -2.46 -2.07
C6 A4A C . 2.44 -1.77 -2.51
N6 A4A C . 3.20 -0.74 -1.96
O6 A4A C . 2.88 -2.59 -3.31
C7 A4A C . 2.68 1.10 -0.20
C8 A4A C . 1.82 2.67 1.48
C9 A4A C . 0.80 3.14 2.31
C10 A4A C . -0.45 2.52 2.31
C11 A4A C . -0.69 1.40 1.48
C12 A4A C . 1.62 1.56 0.64
C13 A4A C . 0.33 0.91 0.62
C31 A4A C . -1.17 -2.10 -1.27
C32 A4A C . -1.11 -1.00 -0.37
C33 A4A C . 0.09 -0.20 -0.22
C51 A4A C . 2.42 -0.03 -1.05
C52 A4A C . 1.18 -0.62 -1.04
C53 A4A C . 1.16 -1.71 -1.92
O1 A4A C . -2.35 -2.79 -1.09
O2 A4A C . -2.27 -0.99 0.37
H4 A4A C . -0.05 -3.31 -2.76
HN6 A4A C . 4.15 -0.51 -2.23
H8 A4A C . 2.76 3.23 1.49
H9 A4A C . 1.02 3.88 3.09
H10 A4A C . -1.26 2.94 2.89
H11 A4A C . -1.67 0.92 1.49
H2 A4A C . -3.69 -2.48 0.50
H2A A4A C . -3.89 -1.46 -0.88
C2 A4A C . -3.14 -1.80 0.06
C4 A4A C . -0.25 -2.49 -2.01
C6 A4A C . 2.18 -1.88 -2.72
N6 A4A C . 3.04 -0.86 -2.26
O6 A4A C . 2.49 -2.71 -3.57
C7 A4A C . 2.75 1.02 -0.50
C8 A4A C . 2.12 2.64 1.22
C9 A4A C . 1.20 3.16 2.15
C10 A4A C . -0.07 2.58 2.27
C11 A4A C . -0.42 1.47 1.50
C12 A4A C . 1.79 1.53 0.43
C13 A4A C . 0.49 0.93 0.56
C31 A4A C . -1.29 -2.08 -1.12
C32 A4A C . -1.12 -0.96 -0.25
C33 A4A C . 0.11 -0.20 -0.23
C51 A4A C . 2.37 -0.11 -1.30
C52 A4A C . 1.11 -0.67 -1.15
C53 A4A C . 0.96 -1.76 -2.01
O1 A4A C . -2.48 -2.71 -0.81
O2 A4A C . -2.19 -0.89 0.61
H4 A4A C . -0.37 -3.34 -2.68
HN6 A4A C . 3.95 -0.67 -2.65
H8 A4A C . 3.05 3.20 1.10
H9 A4A C . 1.52 3.91 2.88
H10 A4A C . -0.79 3.03 2.96
H11 A4A C . -1.20 0.84 1.91
H2 A4A C . -3.67 -2.31 0.86
H2A A4A C . -3.92 -1.28 -0.50
C2 A4A C . -3.45 -1.79 0.09
C4 A4A C . -0.41 -2.25 -1.84
C6 A4A C . 2.01 -1.51 -2.40
N6 A4A C . 2.80 -0.47 -1.86
O6 A4A C . 2.44 -2.33 -3.21
C7 A4A C . 2.36 1.28 0.00
C8 A4A C . 1.56 2.79 1.78
C9 A4A C . 0.59 3.22 2.66
C10 A4A C . -0.65 2.57 2.72
C11 A4A C . -0.92 1.48 1.89
C12 A4A C . 1.33 1.69 0.90
C13 A4A C . 0.06 1.02 0.96
C31 A4A C . -1.52 -1.94 -0.98
C32 A4A C . -1.41 -0.89 -0.03
C33 A4A C . -0.22 -0.07 0.10
C51 A4A C . 2.06 0.17 -0.87
C52 A4A C . 0.83 -0.45 -0.81
C53 A4A C . 0.77 -1.48 -1.75
O1 A4A C . -2.69 -2.63 -0.78
O2 A4A C . -2.55 -0.89 0.76
H4 A4A C . -0.47 -3.07 -2.57
HN6 A4A C . 3.75 -0.28 -2.12
H8 A4A C . 2.54 3.30 1.81
H9 A4A C . 0.83 3.95 3.43
H10 A4A C . -1.43 2.98 3.35
H11 A4A C . -1.88 0.98 1.95
H2 A4A C . -4.02 -2.36 0.82
H2A A4A C . -4.19 -1.28 -0.51
C2 A4A C . -3.54 -1.35 0.42
C4 A4A C . -0.61 -1.98 -1.61
C6 A4A C . 1.84 -1.37 -2.23
N6 A4A C . 2.71 -0.41 -1.70
O6 A4A C . 2.14 -2.08 -3.19
C7 A4A C . 2.43 1.35 0.20
C8 A4A C . 1.81 2.86 2.02
C9 A4A C . 0.89 3.32 2.97
C10 A4A C . -0.39 2.76 3.03
C11 A4A C . -0.75 1.72 2.17
C12 A4A C . 1.48 1.80 1.15
C13 A4A C . 0.16 1.22 1.21
C31 A4A C . -1.65 -1.62 -0.70
C32 A4A C . -1.46 -0.57 0.25
C33 A4A C . -0.22 0.17 0.33
C51 A4A C . 2.05 0.28 -0.68
C52 A4A C . 0.78 -0.26 -0.60
C53 A4A C . 0.63 -1.28 -1.54
O1 A4A C . -2.87 -2.22 -0.49
O2 A4A C . -2.58 -0.50 1.05
H4 A4A C . -0.72 -2.78 -2.33
HN6 A4A C . 3.65 -0.24 -2.02
H8 A4A C . 2.78 3.36 1.97
H9 A4A C . 1.21 4.03 3.73
H10 A4A C . -1.12 3.16 3.74
H11 A4A C . -1.75 1.28 2.24
H2 A4A C . -4.11 -1.88 1.19
H2A A4A C . -4.29 -0.78 -0.13
C2 A4A C . -3.14 -1.67 0.38
C4 A4A C . -0.26 -2.21 -1.75
C6 A4A C . 2.13 -1.51 -2.48
N6 A4A C . 2.96 -0.48 -2.00
O6 A4A C . 2.48 -2.31 -3.35
C7 A4A C . 2.67 1.30 -0.14
C8 A4A C . 2.04 2.84 1.67
C9 A4A C . 1.12 3.29 2.63
C10 A4A C . -0.12 2.67 2.76
C11 A4A C . -0.46 1.57 1.95
C12 A4A C . 1.73 1.74 0.83
C13 A4A C . 0.44 1.10 0.97
C31 A4A C . -1.30 -1.87 -0.82
C32 A4A C . -1.12 -0.79 0.10
C33 A4A C . 0.09 -0.01 0.13
C51 A4A C . 2.31 0.19 -0.98
C52 A4A C . 1.07 -0.40 -0.83
C53 A4A C . 0.94 -1.45 -1.74
O1 A4A C . -2.47 -2.53 -0.54
O2 A4A C . -2.19 -0.76 0.96
H4 A4A C . -0.38 -3.03 -2.46
HN6 A4A C . 3.89 -0.29 -2.35
H8 A4A C . 3.02 3.32 1.64
H9 A4A C . 1.44 4.02 3.37
H10 A4A C . -0.86 3.10 3.43
H11 A4A C . -1.70 0.97 1.64
H2 A4A C . -3.65 -2.22 1.17
H2A A4A C . -3.93 -1.15 -0.15
#